data_1LVJ
#
_entry.id   1LVJ
#
loop_
_entity.id
_entity.type
_entity.pdbx_description
1 polymer 'HIV-1 Trans Activating Region RNA'
2 non-polymer 1-[10-(3-DIMETHYLAMINO-PROPYL)-10H-PHENOTHIAZIN-2-YL]-ETHANONE
#
_entity_poly.entity_id   1
_entity_poly.type   'polyribonucleotide'
_entity_poly.pdbx_seq_one_letter_code
;GGCCAGAUCUGAGCCUGGGAGCUCUCUGGCC
;
_entity_poly.pdbx_strand_id   A
#
loop_
_chem_comp.id
_chem_comp.type
_chem_comp.name
_chem_comp.formula
A RNA linking ADENOSINE-5'-MONOPHOSPHATE 'C10 H14 N5 O7 P'
C RNA linking CYTIDINE-5'-MONOPHOSPHATE 'C9 H14 N3 O8 P'
G RNA linking GUANOSINE-5'-MONOPHOSPHATE 'C10 H14 N5 O8 P'
PMZ non-polymer 1-[10-(3-DIMETHYLAMINO-PROPYL)-10H-PHENOTHIAZIN-2-YL]-ETHANONE 'C19 H22 N2 O S'
U RNA linking URIDINE-5'-MONOPHOSPHATE 'C9 H13 N2 O9 P'
#
# COMPACT_ATOMS: atom_id res chain seq x y z
S5 PMZ B . 0.38 4.21 1.41
N1 PMZ B . -0.03 1.26 1.57
C1 PMZ B . 2.26 0.67 2.07
C2 PMZ B . 3.58 1.09 2.32
C3 PMZ B . 3.90 2.44 2.29
C4 PMZ B . 2.92 3.39 2.02
C5 PMZ B . 1.61 2.99 1.77
C6 PMZ B . 1.27 1.63 1.80
C7 PMZ B . -0.36 3.18 0.18
C8 PMZ B . -0.82 3.75 -1.01
C9 PMZ B . -1.42 2.94 -1.98
C10 PMZ B . -1.54 1.56 -1.76
C11 PMZ B . -1.07 1.00 -0.56
C12 PMZ B . -0.48 1.81 0.40
CA1 PMZ B . -0.50 -0.08 1.97
CB1 PMZ B . 0.10 -1.31 1.22
CG PMZ B . -0.95 -2.11 0.38
ND PMZ B . -0.45 -3.17 -0.54
CE1 PMZ B . 0.89 -2.82 -1.09
CE2 PMZ B . -1.45 -3.43 -1.63
CA2 PMZ B . 4.64 0.08 2.61
CB2 PMZ B . 4.44 -1.40 2.34
OB3 PMZ B . 5.73 0.46 3.01
H1 PMZ B . 2.01 -0.37 2.11
H3 PMZ B . 4.92 2.76 2.48
H4 PMZ B . 3.17 4.43 2.00
H8 PMZ B . -0.73 4.80 -1.18
H9 PMZ B . -1.78 3.36 -2.90
H10 PMZ B . -1.99 0.92 -2.50
H11 PMZ B . -1.17 -0.04 -0.39
HA11 PMZ B . -1.57 -0.12 1.84
HA12 PMZ B . -0.30 -0.20 3.02
HB11 PMZ B . 0.53 -1.98 1.95
HB12 PMZ B . 0.88 -0.97 0.57
HG1 PMZ B . -1.49 -1.40 -0.22
HG2 PMZ B . -1.64 -2.56 1.06
HE11 PMZ B . 0.99 -3.24 -2.07
HE12 PMZ B . 1.65 -3.22 -0.44
HE13 PMZ B . 0.98 -1.74 -1.14
HE21 PMZ B . -2.22 -4.09 -1.27
HE22 PMZ B . -0.95 -3.90 -2.47
HE23 PMZ B . -1.89 -2.50 -1.96
HB21 PMZ B . 5.25 -1.96 2.79
HB22 PMZ B . 4.42 -1.57 1.28
HB23 PMZ B . 3.50 -1.72 2.77
S5 PMZ B . -1.49 3.71 1.23
N1 PMZ B . -1.36 0.70 1.31
C1 PMZ B . 0.99 0.58 1.92
C2 PMZ B . 2.19 1.22 2.23
C3 PMZ B . 2.26 2.61 2.22
C4 PMZ B . 1.13 3.37 1.91
C5 PMZ B . -0.08 2.73 1.61
C6 PMZ B . -0.16 1.33 1.61
C7 PMZ B . -1.97 2.60 -0.05
C8 PMZ B . -2.49 3.11 -1.24
C9 PMZ B . -2.89 2.25 -2.25
C10 PMZ B . -2.78 0.86 -2.07
C11 PMZ B . -2.27 0.35 -0.87
C12 PMZ B . -1.87 1.22 0.14
CA1 PMZ B . -1.37 -0.80 1.42
CB1 PMZ B . -0.51 -1.52 0.34
CG PMZ B . -1.15 -2.79 -0.27
ND PMZ B . -1.14 -2.93 -1.76
CE1 PMZ B . -2.21 -2.14 -2.39
CE2 PMZ B . -1.20 -4.35 -2.20
CA2 PMZ B . 3.43 0.42 2.56
CB2 PMZ B . 3.49 -1.07 2.34
OB3 PMZ B . 4.40 1.00 3.00
H1 PMZ B . 0.94 -0.50 1.94
H3 PMZ B . 3.19 3.11 2.45
H4 PMZ B . 1.20 4.43 1.90
H8 PMZ B . -2.57 4.18 -1.38
H9 PMZ B . -3.29 2.63 -3.18
H10 PMZ B . -3.08 0.18 -2.85
H11 PMZ B . -2.20 -0.72 -0.73
HA11 PMZ B . -2.39 -1.13 1.35
HA12 PMZ B . -0.99 -1.06 2.39
HB11 PMZ B . 0.44 -1.78 0.77
HB12 PMZ B . -0.35 -0.83 -0.47
HG1 PMZ B . -2.16 -2.84 0.07
HG2 PMZ B . -0.61 -3.63 0.13
HE11 PMZ B . -3.04 -2.05 -1.71
HE12 PMZ B . -2.54 -2.62 -3.30
HE13 PMZ B . -1.83 -1.15 -2.62
HE21 PMZ B . -1.95 -4.47 -2.95
HE22 PMZ B . -1.43 -4.98 -1.35
HE23 PMZ B . -0.24 -4.64 -2.60
HB21 PMZ B . 2.52 -1.51 2.53
HB22 PMZ B . 4.22 -1.50 3.01
HB23 PMZ B . 3.79 -1.26 1.32
S5 PMZ B . -1.11 3.85 0.71
N1 PMZ B . -0.66 0.90 0.60
C1 PMZ B . 1.71 0.96 1.04
C2 PMZ B . 2.87 1.71 1.29
C3 PMZ B . 2.80 3.10 1.36
C4 PMZ B . 1.57 3.75 1.18
C5 PMZ B . 0.42 3.01 0.92
C6 PMZ B . 0.48 1.62 0.86
C7 PMZ B . -1.51 2.78 -0.64
C8 PMZ B . -2.09 3.30 -1.80
C9 PMZ B . -2.41 2.46 -2.86
C10 PMZ B . -2.13 1.09 -2.77
C11 PMZ B . -1.54 0.58 -1.61
C12 PMZ B . -1.23 1.41 -0.54
CA1 PMZ B . -0.53 -0.57 0.74
CB1 PMZ B . -1.78 -1.42 0.35
CG PMZ B . -1.49 -2.49 -0.76
ND PMZ B . -2.61 -2.80 -1.69
CE1 PMZ B . -2.52 -4.20 -2.20
CE2 PMZ B . -2.70 -1.80 -2.80
CA2 PMZ B . 4.19 1.01 1.49
CB2 PMZ B . 4.31 -0.50 1.42
OB3 PMZ B . 5.19 1.66 1.72
H1 PMZ B . 1.76 -0.11 0.98
H3 PMZ B . 3.69 3.67 1.56
H4 PMZ B . 1.53 4.81 1.23
H8 PMZ B . -2.31 4.36 -1.87
H9 PMZ B . -2.86 2.86 -3.76
H10 PMZ B . -2.37 0.43 -3.58
H11 PMZ B . -1.32 -0.47 -1.54
HA11 PMZ B . -0.29 -0.79 1.77
HA12 PMZ B . 0.29 -0.91 0.14
HB11 PMZ B . -2.55 -0.75 -0.01
HB12 PMZ B . -2.14 -1.93 1.22
HG1 PMZ B . -1.17 -3.40 -0.29
HG2 PMZ B . -0.66 -2.13 -1.36
HE11 PMZ B . -1.66 -4.67 -1.77
HE12 PMZ B . -2.44 -4.19 -3.28
HE13 PMZ B . -3.41 -4.74 -1.91
HE21 PMZ B . -3.38 -1.01 -2.53
HE22 PMZ B . -3.06 -2.29 -3.70
HE23 PMZ B . -1.74 -1.37 -2.99
HB21 PMZ B . 5.25 -0.81 1.86
HB22 PMZ B . 4.27 -0.82 0.39
HB23 PMZ B . 3.50 -0.95 1.97
S5 PMZ B . -1.46 3.87 0.93
N1 PMZ B . -0.73 0.98 0.62
C1 PMZ B . 1.64 1.26 0.98
C2 PMZ B . 2.72 2.10 1.24
C3 PMZ B . 2.53 3.47 1.40
C4 PMZ B . 1.24 3.99 1.29
C5 PMZ B . 0.15 3.17 1.04
C6 PMZ B . 0.34 1.79 0.88
C7 PMZ B . -1.83 2.85 -0.45
C8 PMZ B . -2.52 3.38 -1.54
C9 PMZ B . -2.82 2.58 -2.64
C10 PMZ B . -2.43 1.25 -2.65
C11 PMZ B . -1.72 0.72 -1.55
C12 PMZ B . -1.43 1.51 -0.45
CA1 PMZ B . -0.43 -0.48 0.59
CB1 PMZ B . -1.63 -1.43 0.25
CG PMZ B . -1.32 -2.46 -0.88
ND PMZ B . -2.38 -2.69 -1.90
CE1 PMZ B . -2.66 -4.14 -2.09
CE2 PMZ B . -2.03 -2.03 -3.19
CA2 PMZ B . 4.10 1.52 1.36
CB2 PMZ B . 4.34 0.03 1.44
OB3 PMZ B . 5.06 2.27 1.41
H1 PMZ B . 1.79 0.19 0.86
H3 PMZ B . 3.37 4.12 1.59
H4 PMZ B . 1.09 5.05 1.40
H8 PMZ B . -2.83 4.42 -1.53
H9 PMZ B . -3.36 2.99 -3.48
H10 PMZ B . -2.65 0.63 -3.49
H11 PMZ B . -1.42 -0.32 -1.56
HA11 PMZ B . -0.06 -0.76 1.56
HA12 PMZ B . 0.34 -0.67 -0.12
HB11 PMZ B . -2.47 -0.82 -0.07
HB12 PMZ B . -1.92 -1.96 1.12
HG1 PMZ B . -1.09 -3.40 -0.41
HG2 PMZ B . -0.43 -2.13 -1.39
HE11 PMZ B . -2.64 -4.39 -3.14
HE12 PMZ B . -3.64 -4.38 -1.68
HE13 PMZ B . -1.91 -4.71 -1.57
HE21 PMZ B . -1.89 -0.97 -3.06
HE22 PMZ B . -2.82 -2.21 -3.91
HE23 PMZ B . -1.11 -2.46 -3.56
HB21 PMZ B . 4.28 -0.39 0.44
HB22 PMZ B . 3.58 -0.43 2.07
HB23 PMZ B . 5.31 -0.16 1.85
S5 PMZ B . -1.06 4.06 1.18
N1 PMZ B . -0.43 1.17 0.70
C1 PMZ B . 1.94 1.33 1.11
C2 PMZ B . 3.05 2.11 1.44
C3 PMZ B . 2.90 3.47 1.68
C4 PMZ B . 1.64 4.06 1.61
C5 PMZ B . 0.53 3.29 1.28
C6 PMZ B . 0.67 1.92 1.03
C7 PMZ B . -1.43 3.14 -0.28
C8 PMZ B . -2.06 3.76 -1.35
C9 PMZ B . -2.34 3.03 -2.51
C10 PMZ B . -1.98 1.69 -2.59
C11 PMZ B . -1.34 1.07 -1.51
C12 PMZ B . -1.06 1.78 -0.36
CA1 PMZ B . -0.22 -0.30 0.65
CB1 PMZ B . -1.48 -1.14 0.24
CG PMZ B . -1.25 -2.08 -0.99
ND PMZ B . -2.41 -2.24 -1.91
CE1 PMZ B . -2.42 -3.59 -2.57
CE2 PMZ B . -2.50 -1.13 -2.91
CA2 PMZ B . 4.41 1.47 1.54
CB2 PMZ B . 4.61 -0.03 1.49
OB3 PMZ B . 5.40 2.19 1.67
H1 PMZ B . 2.05 0.28 0.93
H3 PMZ B . 3.76 4.07 1.94
H4 PMZ B . 1.52 5.11 1.79
H8 PMZ B . -2.33 4.80 -1.29
H9 PMZ B . -2.83 3.50 -3.35
H10 PMZ B . -2.20 1.11 -3.48
H11 PMZ B . -1.06 0.04 -1.57
HA11 PMZ B . 0.10 -0.63 1.61
HA12 PMZ B . 0.56 -0.51 -0.06
HB11 PMZ B . -2.28 -0.46 0.02
HB12 PMZ B . -1.77 -1.75 1.08
HG1 PMZ B . -0.97 -3.05 -0.64
HG2 PMZ B . -0.43 -1.68 -1.56
HE11 PMZ B . -1.74 -3.59 -3.41
HE12 PMZ B . -3.42 -3.81 -2.92
HE13 PMZ B . -2.10 -4.33 -1.85
HE21 PMZ B . -2.95 -1.48 -3.81
HE22 PMZ B . -1.51 -0.75 -3.12
HE23 PMZ B . -3.10 -0.32 -2.49
HB21 PMZ B . 4.54 -0.37 0.47
HB22 PMZ B . 3.84 -0.51 2.08
HB23 PMZ B . 5.58 -0.28 1.88
S5 PMZ B . 0.25 4.03 1.19
N1 PMZ B . -0.27 1.10 1.30
C1 PMZ B . 1.95 0.44 2.02
C2 PMZ B . 3.25 0.81 2.36
C3 PMZ B . 3.62 2.16 2.36
C4 PMZ B . 2.69 3.13 2.01
C5 PMZ B . 1.39 2.77 1.66
C6 PMZ B . 1.01 1.42 1.65
C7 PMZ B . -0.39 3.00 -0.11
C8 PMZ B . -0.72 3.57 -1.35
C9 PMZ B . -1.22 2.75 -2.37
C10 PMZ B . -1.42 1.39 -2.14
C11 PMZ B . -1.10 0.85 -0.90
C12 PMZ B . -0.58 1.65 0.11
CA1 PMZ B . -0.84 -0.25 1.59
CB1 PMZ B . -0.12 -1.48 0.95
CG PMZ B . -1.01 -2.30 -0.04
ND PMZ B . -0.38 -3.42 -0.76
CE1 PMZ B . 0.91 -3.03 -1.38
CE2 PMZ B . -1.35 -3.97 -1.77
CA2 PMZ B . 4.26 -0.23 2.75
CB2 PMZ B . 4.03 -1.69 2.48
OB3 PMZ B . 5.32 0.12 3.23
H1 PMZ B . 1.67 -0.60 2.02
H3 PMZ B . 4.63 2.44 2.64
H4 PMZ B . 2.98 4.16 2.01
H8 PMZ B . -0.56 4.62 -1.52
H9 PMZ B . -1.47 3.18 -3.33
H10 PMZ B . -1.81 0.76 -2.92
H11 PMZ B . -1.27 -0.20 -0.70
HA11 PMZ B . -1.85 -0.25 1.24
HA12 PMZ B . -0.86 -0.37 2.65
HB11 PMZ B . 0.20 -2.12 1.74
HB12 PMZ B . 0.76 -1.13 0.44
HG1 PMZ B . -1.40 -1.62 -0.78
HG2 PMZ B . -1.84 -2.69 0.51
HE11 PMZ B . 1.73 -3.41 -0.78
HE12 PMZ B . 0.98 -1.94 -1.42
HE13 PMZ B . 0.98 -3.43 -2.37
HE21 PMZ B . -1.99 -4.69 -1.29
HE22 PMZ B . -0.81 -4.45 -2.57
HE23 PMZ B . -1.94 -3.17 -2.17
HB21 PMZ B . 4.81 -2.27 2.96
HB22 PMZ B . 4.05 -1.86 1.42
HB23 PMZ B . 3.07 -1.98 2.89
S5 PMZ B . -0.03 4.17 1.32
N1 PMZ B . -0.30 1.21 1.56
C1 PMZ B . 1.99 0.76 2.15
C2 PMZ B . 3.28 1.25 2.43
C3 PMZ B . 3.54 2.62 2.37
C4 PMZ B . 2.52 3.51 2.03
C5 PMZ B . 1.25 3.03 1.76
C6 PMZ B . 0.97 1.66 1.82
C7 PMZ B . -0.67 3.07 0.09
C8 PMZ B . -1.11 3.57 -1.13
C9 PMZ B . -1.62 2.69 -2.10
C10 PMZ B . -1.69 1.32 -1.82
C11 PMZ B . -1.25 0.83 -0.60
C12 PMZ B . -0.74 1.70 0.36
CA1 PMZ B . -0.70 -0.15 1.98
CB1 PMZ B . -0.02 -1.36 1.25
CG PMZ B . -1.00 -2.19 0.37
ND PMZ B . -0.44 -3.21 -0.55
CE1 PMZ B . 0.89 -2.80 -1.05
CE2 PMZ B . -1.40 -3.48 -1.68
CA2 PMZ B . 4.38 0.30 2.78
CB2 PMZ B . 4.25 -1.19 2.56
OB3 PMZ B . 5.44 0.74 3.19
H1 PMZ B . 1.79 -0.29 2.21
H3 PMZ B . 4.53 2.98 2.57
H4 PMZ B . 2.72 4.55 1.98
H8 PMZ B . -1.05 4.62 -1.34
H9 PMZ B . -1.96 3.07 -3.05
H10 PMZ B . -2.08 0.64 -2.57
H11 PMZ B . -1.32 -0.21 -0.38
HA11 PMZ B . -1.75 -0.24 1.85
HA12 PMZ B . -0.50 -0.22 3.03
HB11 PMZ B . 0.42 -2.01 2.00
HB12 PMZ B . 0.78 -0.99 0.63
HG1 PMZ B . -1.56 -1.50 -0.23
HG2 PMZ B . -1.68 -2.70 1.03
HE11 PMZ B . 0.92 -1.71 -1.12
HE12 PMZ B . 1.07 -3.21 -2.02
HE13 PMZ B . 1.66 -3.13 -0.36
HE21 PMZ B . -2.24 -4.07 -1.31
HE22 PMZ B . -0.91 -4.02 -2.46
HE23 PMZ B . -1.77 -2.54 -2.06
HB21 PMZ B . 3.30 -1.52 2.93
HB22 PMZ B . 5.05 -1.70 3.09
HB23 PMZ B . 4.33 -1.39 1.50
S5 PMZ B . -1.22 3.98 0.90
N1 PMZ B . -1.03 1.01 0.81
C1 PMZ B . 1.26 0.84 1.56
C2 PMZ B . 2.44 1.48 1.98
C3 PMZ B . 2.48 2.87 2.05
C4 PMZ B . 1.36 3.62 1.72
C5 PMZ B . 0.19 3.00 1.31
C6 PMZ B . 0.14 1.60 1.22
C7 PMZ B . -1.55 2.95 -0.49
C8 PMZ B . -1.94 3.52 -1.71
C9 PMZ B . -2.20 2.70 -2.80
C10 PMZ B . -2.06 1.32 -2.68
C11 PMZ B . -1.66 0.75 -1.46
C12 PMZ B . -1.41 1.56 -0.37
CA1 PMZ B . -1.31 -0.38 1.30
CB1 PMZ B . -1.84 -1.47 0.29
CG PMZ B . -0.76 -2.20 -0.59
ND PMZ B . -1.15 -2.66 -1.98
CE1 PMZ B . -2.16 -1.80 -2.67
CE2 PMZ B . -1.55 -4.10 -2.01
CA2 PMZ B . 3.65 0.67 2.36
CB2 PMZ B . 3.66 -0.84 2.28
OB3 PMZ B . 4.65 1.24 2.74
H1 PMZ B . 1.23 -0.24 1.49
H3 PMZ B . 3.39 3.37 2.38
H4 PMZ B . 1.39 4.70 1.78
H8 PMZ B . -2.06 4.58 -1.79
H9 PMZ B . -2.51 3.13 -3.74
H10 PMZ B . -2.26 0.68 -3.53
H11 PMZ B . -1.54 -0.31 -1.37
HA11 PMZ B . -2.06 -0.27 2.06
HA12 PMZ B . -0.43 -0.76 1.77
HB11 PMZ B . -2.57 -1.02 -0.34
HB12 PMZ B . -2.33 -2.23 0.87
HG1 PMZ B . -0.43 -3.07 -0.04
HG2 PMZ B . 0.08 -1.55 -0.69
HE11 PMZ B . -1.67 -0.93 -3.07
HE12 PMZ B . -2.93 -1.51 -1.98
HE13 PMZ B . -2.61 -2.36 -3.48
HE21 PMZ B . -0.87 -4.65 -2.65
HE22 PMZ B . -2.55 -4.19 -2.41
HE23 PMZ B . -1.52 -4.50 -1.01
HB21 PMZ B . 4.48 -1.22 2.86
HB22 PMZ B . 3.78 -1.13 1.24
HB23 PMZ B . 2.73 -1.22 2.66
S5 PMZ B . -0.56 3.77 1.58
N1 PMZ B . -0.30 0.80 1.41
C1 PMZ B . 2.04 0.69 1.90
C2 PMZ B . 3.23 1.34 2.22
C3 PMZ B . 3.27 2.73 2.34
C4 PMZ B . 2.10 3.46 2.14
C5 PMZ B . 0.90 2.82 1.82
C6 PMZ B . 0.87 1.42 1.71
C7 PMZ B . -1.08 2.74 0.24
C8 PMZ B . -1.68 3.31 -0.87
C9 PMZ B . -2.09 2.51 -1.94
C10 PMZ B . -1.90 1.13 -1.87
C11 PMZ B . -1.30 0.55 -0.76
C12 PMZ B . -0.89 1.35 0.30
CA1 PMZ B . -0.40 -0.65 1.79
CB1 PMZ B . 0.01 -1.71 0.72
CG PMZ B . -1.19 -2.32 -0.06
ND PMZ B . -1.02 -2.52 -1.51
CE1 PMZ B . -1.92 -3.57 -2.09
CE2 PMZ B . 0.40 -2.76 -1.81
CA2 PMZ B . 4.47 0.53 2.44
CB2 PMZ B . 4.43 -0.98 2.54
OB3 PMZ B . 5.55 1.10 2.54
H1 PMZ B . 2.02 -0.39 1.81
H3 PMZ B . 4.19 3.23 2.58
H4 PMZ B . 2.12 4.53 2.23
H8 PMZ B . -1.83 4.39 -0.92
H9 PMZ B . -2.57 2.95 -2.80
H10 PMZ B . -2.22 0.50 -2.70
H11 PMZ B . -1.16 -0.49 -0.73
HA11 PMZ B . -1.42 -0.84 2.08
HA12 PMZ B . 0.23 -0.80 2.64
HB11 PMZ B . 0.53 -2.51 1.23
HB12 PMZ B . 0.69 -1.27 0.03
HG1 PMZ B . -2.01 -1.65 0.09
HG2 PMZ B . -1.41 -3.26 0.36
HE11 PMZ B . -2.82 -3.11 -2.45
HE12 PMZ B . -2.17 -4.27 -1.31
HE13 PMZ B . -1.42 -4.09 -2.91
HE21 PMZ B . 0.92 -1.81 -1.72
HE22 PMZ B . 0.51 -3.15 -2.81
HE23 PMZ B . 0.82 -3.44 -1.10
HB21 PMZ B . 4.20 -1.39 1.56
HB22 PMZ B . 3.65 -1.26 3.24
HB23 PMZ B . 5.38 -1.34 2.88
S5 PMZ B . -1.20 3.64 0.85
N1 PMZ B . -0.92 0.69 0.74
C1 PMZ B . 1.43 0.58 1.28
C2 PMZ B . 2.61 1.26 1.60
C3 PMZ B . 2.63 2.66 1.67
C4 PMZ B . 1.46 3.37 1.43
C5 PMZ B . 0.28 2.71 1.13
C6 PMZ B . 0.26 1.32 1.04
C7 PMZ B . -1.65 2.61 -0.50
C8 PMZ B . -2.18 3.16 -1.66
C9 PMZ B . -2.53 2.35 -2.73
C10 PMZ B . -2.33 0.98 -2.64
C11 PMZ B . -1.79 0.41 -1.48
C12 PMZ B . -1.45 1.22 -0.41
CA1 PMZ B . -1.11 -0.72 1.24
CB1 PMZ B . -1.75 -1.80 0.29
CG PMZ B . -0.79 -2.49 -0.75
ND PMZ B . -1.39 -3.00 -2.04
CE1 PMZ B . -2.36 -2.07 -2.69
CE2 PMZ B . -1.99 -4.36 -1.90
CA2 PMZ B . 3.88 0.49 1.87
CB2 PMZ B . 3.95 -1.01 1.74
OB3 PMZ B . 4.88 1.09 2.23
H1 PMZ B . 1.43 -0.49 1.23
H3 PMZ B . 3.54 3.17 1.92
H4 PMZ B . 1.47 4.44 1.48
H8 PMZ B . -2.34 4.23 -1.72
H9 PMZ B . -2.96 2.78 -3.63
H10 PMZ B . -2.61 0.33 -3.47
H11 PMZ B . -1.63 -0.64 -1.41
HA11 PMZ B . -1.76 -0.64 2.09
HA12 PMZ B . -0.17 -1.09 1.58
HB11 PMZ B . -2.57 -1.36 -0.23
HB12 PMZ B . -2.15 -2.57 0.92
HG1 PMZ B . -0.32 -3.33 -0.25
HG2 PMZ B . -0.02 -1.79 -1.00
HE11 PMZ B . -3.07 -1.72 -1.96
HE12 PMZ B . -2.89 -2.60 -3.47
HE13 PMZ B . -1.83 -1.23 -3.11
HE21 PMZ B . -3.04 -4.27 -1.69
HE22 PMZ B . -1.52 -4.86 -1.08
HE23 PMZ B . -1.84 -4.92 -2.81
HB21 PMZ B . 4.05 -1.27 0.70
HB22 PMZ B . 3.04 -1.46 2.13
HB23 PMZ B . 4.80 -1.39 2.29
S5 PMZ B . -1.45 3.26 0.63
N1 PMZ B . -1.19 0.36 1.02
C1 PMZ B . 1.11 0.32 1.72
C2 PMZ B . 2.27 1.01 2.01
C3 PMZ B . 2.31 2.40 1.89
C4 PMZ B . 1.17 3.09 1.47
C5 PMZ B . 0.00 2.40 1.18
C6 PMZ B . -0.03 1.01 1.29
C7 PMZ B . -1.74 2.01 -0.60
C8 PMZ B . -2.13 2.37 -1.89
C9 PMZ B . -2.36 1.38 -2.85
C10 PMZ B . -2.18 0.03 -2.51
C11 PMZ B . -1.80 -0.33 -1.22
C12 PMZ B . -1.57 0.66 -0.26
CA1 PMZ B . -1.48 -0.88 1.80
CB1 PMZ B . -1.91 -2.14 1.02
CG PMZ B . -0.74 -2.96 0.39
ND PMZ B . -1.09 -3.87 -0.72
CE1 PMZ B . -0.83 -3.26 -2.03
CE2 PMZ B . -2.49 -4.39 -0.62
CA2 PMZ B . 3.49 0.26 2.47
CB2 PMZ B . 3.52 -1.26 2.49
OB3 PMZ B . 4.47 0.87 2.85
H1 PMZ B . 1.08 -0.76 1.79
H3 PMZ B . 3.22 2.94 2.12
H4 PMZ B . 1.20 4.16 1.39
H8 PMZ B . -2.26 3.41 -2.15
H9 PMZ B . -2.65 1.66 -3.85
H10 PMZ B . -2.36 -0.73 -3.27
H11 PMZ B . -1.67 -1.37 -0.98
HA11 PMZ B . -2.27 -0.63 2.48
HA12 PMZ B . -0.61 -1.13 2.38
HB11 PMZ B . -2.59 -1.85 0.23
HB12 PMZ B . -2.45 -2.78 1.68
HG1 PMZ B . -0.28 -3.54 1.18
HG2 PMZ B . -0.01 -2.27 0.04
HE11 PMZ B . -0.14 -3.88 -2.58
HE12 PMZ B . -0.40 -2.27 -1.89
HE13 PMZ B . -1.76 -3.18 -2.58
HE21 PMZ B . -2.76 -4.89 -1.55
HE22 PMZ B . -3.16 -3.56 -0.45
HE23 PMZ B . -2.56 -5.08 0.20
HB21 PMZ B . 3.37 -1.62 1.48
HB22 PMZ B . 2.72 -1.62 3.13
HB23 PMZ B . 4.47 -1.60 2.86
S5 PMZ B . -1.35 4.32 0.47
N1 PMZ B . -1.43 1.36 0.55
C1 PMZ B . 0.90 1.00 1.05
C2 PMZ B . 2.17 1.55 1.33
C3 PMZ B . 2.34 2.93 1.34
C4 PMZ B . 1.26 3.77 1.09
C5 PMZ B . 0.01 3.24 0.81
C6 PMZ B . -0.18 1.85 0.80
C7 PMZ B . -1.94 3.24 -0.82
C8 PMZ B . -2.43 3.76 -2.02
C9 PMZ B . -2.88 2.88 -3.02
C10 PMZ B . -2.85 1.50 -2.80
C11 PMZ B . -2.35 1.00 -1.59
C12 PMZ B . -1.90 1.86 -0.62
CA1 PMZ B . -1.83 -0.02 0.87
CB1 PMZ B . -1.04 -1.16 0.14
CG PMZ B . -1.95 -2.07 -0.76
ND PMZ B . -1.34 -2.71 -1.93
CE1 PMZ B . -1.84 -4.10 -2.13
CE2 PMZ B . 0.14 -2.63 -1.86
CA2 PMZ B . 3.35 0.66 1.60
CB2 PMZ B . 3.32 -0.82 1.28
OB3 PMZ B . 4.38 1.15 2.01
H1 PMZ B . 0.78 -0.08 1.04
H3 PMZ B . 3.32 3.35 1.55
H4 PMZ B . 1.40 4.83 1.11
H8 PMZ B . -2.45 4.83 -2.17
H9 PMZ B . -3.26 3.28 -3.95
H10 PMZ B . -3.19 0.82 -3.57
H11 PMZ B . -2.32 -0.06 -1.41
HA11 PMZ B . -2.86 -0.12 0.62
HA12 PMZ B . -1.73 -0.15 1.92
HB11 PMZ B . -0.58 -1.78 0.88
HB12 PMZ B . -0.29 -0.73 -0.46
HG1 PMZ B . -2.75 -1.46 -1.12
HG2 PMZ B . -2.36 -2.84 -0.15
HE11 PMZ B . -2.09 -4.27 -3.18
HE12 PMZ B . -2.73 -4.25 -1.53
HE13 PMZ B . -1.09 -4.80 -1.83
HE21 PMZ B . 0.48 -3.04 -0.92
HE22 PMZ B . 0.40 -1.58 -1.92
HE23 PMZ B . 0.58 -3.17 -2.68
HB21 PMZ B . 3.55 -0.95 0.23
HB22 PMZ B . 2.35 -1.21 1.50
HB23 PMZ B . 4.07 -1.32 1.87
#